data_4WDU
#
_entry.id   4WDU
#
_cell.length_a   55.422
_cell.length_b   62.297
_cell.length_c   95.997
_cell.angle_alpha   90.00
_cell.angle_beta   90.00
_cell.angle_gamma   90.00
#
_symmetry.space_group_name_H-M   'P 21 21 21'
#
loop_
_entity.id
_entity.type
_entity.pdbx_description
1 polymer 'Aldo-keto reductase family 1 member C3'
2 non-polymer 'NADP NICOTINAMIDE-ADENINE-DINUCLEOTIDE PHOSPHATE'
3 non-polymer 4-chloro-N-(4-chlorobenzyl)-5-nitro-1H-pyrazole-3-carboxamide
4 water water
#
_entity_poly.entity_id   1
_entity_poly.type   'polypeptide(L)'
_entity_poly.pdbx_seq_one_letter_code
;MDSKQQCVKLNDGHFMPVLGFGTYAPPEVPRSKALEVTKLAIEAGFRHIDSAHLYNNEEQVGLAIRSKIADGSVKREDIF
YTSKLWSTFHRPELVRPALENSLKKAQLDYVDLYLIHSPMSLKPGEELSPTDENGKVIFDIVDLCTTWEAMEKCKDAGLA
KSIGVSNFNRRQLEMILNKPGLKYKPVCNQVECHPYFNRSKLLDFCKSKDIVLVAYSALGSQRDKRWVDPNSPVLLEDPV
LCALAKKHKRTPALIALRYQLQRGVVVLAKSYNEQRIRQNVQVFEFQLTAEDMKAIDGLDRNLHYFNSDSFASHPNYPYS
DEYLEHHHHHH
;
_entity_poly.pdbx_strand_id   A
#
loop_
_chem_comp.id
_chem_comp.type
_chem_comp.name
_chem_comp.formula
NAP non-polymer 'NADP NICOTINAMIDE-ADENINE-DINUCLEOTIDE PHOSPHATE' 'C21 H28 N7 O17 P3'
WDU non-polymer 4-chloro-N-(4-chlorobenzyl)-5-nitro-1H-pyrazole-3-carboxamide 'C11 H8 Cl2 N4 O3'
#
# COMPACT_ATOMS: atom_id res chain seq x y z
N GLN A 6 -3.55 -0.51 -17.68
CA GLN A 6 -2.21 0.20 -17.73
C GLN A 6 -1.28 -0.30 -16.61
N CYS A 7 -0.17 -0.90 -17.02
CA CYS A 7 0.70 -1.70 -16.12
C CYS A 7 2.17 -1.31 -16.18
N VAL A 8 2.92 -1.50 -15.08
CA VAL A 8 4.35 -1.31 -15.05
C VAL A 8 5.01 -2.69 -14.91
N LYS A 9 6.11 -2.93 -15.59
CA LYS A 9 6.78 -4.22 -15.46
C LYS A 9 7.67 -4.19 -14.27
N LEU A 10 7.50 -5.18 -13.38
CA LEU A 10 8.33 -5.25 -12.21
C LEU A 10 9.68 -5.95 -12.51
N ASN A 11 10.57 -5.85 -11.55
CA ASN A 11 11.97 -6.29 -11.69
C ASN A 11 12.10 -7.81 -11.72
N ASP A 12 11.00 -8.50 -11.48
CA ASP A 12 10.93 -9.95 -11.59
C ASP A 12 10.19 -10.42 -12.82
N GLY A 13 9.79 -9.45 -13.65
CA GLY A 13 9.10 -9.70 -14.88
C GLY A 13 7.60 -9.84 -14.87
N HIS A 14 6.97 -9.83 -13.66
CA HIS A 14 5.52 -9.70 -13.60
C HIS A 14 5.05 -8.25 -13.80
N PHE A 15 3.76 -8.02 -13.84
CA PHE A 15 3.21 -6.69 -14.23
C PHE A 15 2.22 -6.21 -13.18
N MET A 16 2.27 -4.90 -12.86
CA MET A 16 1.47 -4.33 -11.80
C MET A 16 0.60 -3.24 -12.37
N PRO A 17 -0.73 -3.35 -12.19
CA PRO A 17 -1.55 -2.20 -12.68
C PRO A 17 -1.20 -0.90 -11.93
N VAL A 18 -1.21 0.25 -12.62
CA VAL A 18 -0.62 1.45 -11.99
C VAL A 18 -1.58 2.18 -11.07
N LEU A 19 -2.88 1.89 -11.12
CA LEU A 19 -3.82 2.37 -10.16
C LEU A 19 -4.40 1.19 -9.38
N GLY A 20 -4.37 1.31 -8.04
CA GLY A 20 -4.80 0.20 -7.18
C GLY A 20 -5.95 0.67 -6.29
N PHE A 21 -6.82 -0.26 -5.92
CA PHE A 21 -7.94 0.07 -5.01
C PHE A 21 -7.53 -0.24 -3.57
N GLY A 22 -7.65 0.77 -2.70
CA GLY A 22 -7.38 0.60 -1.22
C GLY A 22 -8.63 0.03 -0.55
N THR A 23 -8.47 -1.09 0.16
CA THR A 23 -9.63 -1.79 0.80
C THR A 23 -9.80 -1.54 2.23
N TYR A 24 -8.90 -0.81 2.91
CA TYR A 24 -9.05 -0.69 4.38
C TYR A 24 -10.21 0.22 4.75
N ALA A 25 -11.04 -0.24 5.69
CA ALA A 25 -12.00 0.63 6.34
C ALA A 25 -11.96 0.36 7.83
N PRO A 26 -12.18 1.43 8.64
CA PRO A 26 -11.99 1.22 10.07
C PRO A 26 -13.09 0.29 10.65
N PRO A 27 -12.91 -0.16 11.91
CA PRO A 27 -13.72 -1.26 12.43
C PRO A 27 -15.19 -0.96 12.54
N GLU A 28 -15.56 0.33 12.58
CA GLU A 28 -16.96 0.72 12.71
C GLU A 28 -17.67 0.54 11.39
N VAL A 29 -16.93 0.22 10.34
CA VAL A 29 -17.54 -0.09 9.05
C VAL A 29 -17.84 -1.58 9.05
N PRO A 30 -19.06 -1.92 8.62
CA PRO A 30 -19.46 -3.32 8.67
C PRO A 30 -18.57 -4.09 7.71
N ARG A 31 -18.17 -5.28 8.14
CA ARG A 31 -17.33 -6.18 7.35
C ARG A 31 -17.84 -6.42 5.93
N SER A 32 -19.16 -6.59 5.79
CA SER A 32 -19.77 -6.86 4.51
C SER A 32 -19.56 -5.79 3.44
N LYS A 33 -19.35 -4.53 3.81
CA LYS A 33 -19.13 -3.48 2.86
C LYS A 33 -17.91 -3.69 1.94
N ALA A 34 -16.81 -4.25 2.46
CA ALA A 34 -15.59 -4.51 1.71
C ALA A 34 -15.92 -5.38 0.48
N LEU A 35 -16.86 -6.32 0.64
CA LEU A 35 -17.32 -7.18 -0.47
C LEU A 35 -18.01 -6.38 -1.56
N GLU A 36 -18.99 -5.60 -1.13
CA GLU A 36 -19.73 -4.69 -2.03
C GLU A 36 -18.79 -3.74 -2.78
N VAL A 37 -17.96 -3.00 -2.04
CA VAL A 37 -17.17 -1.99 -2.69
C VAL A 37 -16.06 -2.58 -3.54
N THR A 38 -15.54 -3.76 -3.21
CA THR A 38 -14.54 -4.38 -4.09
C THR A 38 -15.17 -4.79 -5.41
N LYS A 39 -16.40 -5.31 -5.38
CA LYS A 39 -17.07 -5.63 -6.65
C LYS A 39 -17.27 -4.32 -7.45
N LEU A 40 -17.73 -3.28 -6.79
CA LEU A 40 -17.94 -1.99 -7.44
C LEU A 40 -16.62 -1.54 -8.08
N ALA A 41 -15.50 -1.72 -7.36
CA ALA A 41 -14.21 -1.20 -7.87
C ALA A 41 -13.77 -1.93 -9.11
N ILE A 42 -13.97 -3.25 -9.14
CA ILE A 42 -13.68 -4.02 -10.37
C ILE A 42 -14.60 -3.62 -11.54
N GLU A 43 -15.87 -3.40 -11.26
CA GLU A 43 -16.86 -2.98 -12.30
C GLU A 43 -16.37 -1.66 -12.89
N ALA A 44 -15.81 -0.80 -12.04
CA ALA A 44 -15.44 0.56 -12.47
C ALA A 44 -14.15 0.54 -13.26
N GLY A 45 -13.43 -0.60 -13.18
CA GLY A 45 -12.16 -0.72 -13.90
C GLY A 45 -10.88 -0.95 -13.10
N PHE A 46 -10.95 -0.89 -11.79
CA PHE A 46 -9.77 -1.31 -10.99
C PHE A 46 -9.46 -2.76 -11.23
N ARG A 47 -8.14 -3.01 -11.42
CA ARG A 47 -7.57 -4.37 -11.57
C ARG A 47 -6.51 -4.75 -10.51
N HIS A 48 -6.08 -3.76 -9.74
CA HIS A 48 -5.08 -3.95 -8.66
C HIS A 48 -5.83 -3.68 -7.35
N ILE A 49 -5.83 -4.66 -6.42
CA ILE A 49 -6.62 -4.63 -5.20
C ILE A 49 -5.63 -4.82 -4.04
N ASP A 50 -5.67 -3.90 -3.06
CA ASP A 50 -4.67 -3.87 -1.95
C ASP A 50 -5.36 -4.23 -0.67
N SER A 51 -5.00 -5.38 -0.11
CA SER A 51 -5.49 -5.81 1.20
C SER A 51 -4.30 -6.18 2.13
N ALA A 52 -4.60 -6.77 3.28
CA ALA A 52 -3.61 -7.13 4.28
C ALA A 52 -4.28 -8.02 5.34
N HIS A 53 -3.43 -8.76 6.06
CA HIS A 53 -3.89 -9.43 7.23
C HIS A 53 -4.48 -8.45 8.24
N LEU A 54 -3.81 -7.32 8.44
CA LEU A 54 -4.28 -6.27 9.38
C LEU A 54 -5.71 -5.81 9.17
N TYR A 55 -6.18 -5.80 7.92
CA TYR A 55 -7.40 -5.12 7.57
C TYR A 55 -8.60 -5.97 7.95
N ASN A 56 -8.41 -7.27 8.25
CA ASN A 56 -9.54 -8.11 8.64
C ASN A 56 -10.66 -8.10 7.55
N ASN A 57 -10.26 -8.08 6.28
CA ASN A 57 -11.23 -8.06 5.23
C ASN A 57 -10.87 -9.00 4.10
N GLU A 58 -9.86 -9.84 4.32
CA GLU A 58 -9.38 -10.62 3.16
C GLU A 58 -10.43 -11.61 2.65
N GLU A 59 -11.29 -12.10 3.54
CA GLU A 59 -12.34 -13.02 3.12
C GLU A 59 -13.31 -12.30 2.19
N GLN A 60 -13.65 -11.03 2.56
CA GLN A 60 -14.62 -10.27 1.78
C GLN A 60 -13.98 -9.84 0.48
N VAL A 61 -12.70 -9.46 0.53
CA VAL A 61 -12.04 -9.00 -0.71
C VAL A 61 -11.84 -10.11 -1.70
N GLY A 62 -11.40 -11.26 -1.18
CA GLY A 62 -11.27 -12.46 -1.99
C GLY A 62 -12.59 -12.91 -2.59
N LEU A 63 -13.69 -12.84 -1.84
CA LEU A 63 -14.97 -13.26 -2.39
C LEU A 63 -15.39 -12.34 -3.53
N ALA A 64 -15.06 -11.04 -3.40
CA ALA A 64 -15.49 -10.05 -4.43
C ALA A 64 -14.79 -10.36 -5.69
N ILE A 65 -13.50 -10.63 -5.57
CA ILE A 65 -12.69 -11.04 -6.71
C ILE A 65 -13.25 -12.35 -7.34
N ARG A 66 -13.44 -13.34 -6.52
CA ARG A 66 -13.95 -14.62 -7.10
C ARG A 66 -15.33 -14.46 -7.76
N SER A 67 -16.16 -13.58 -7.22
CA SER A 67 -17.49 -13.28 -7.80
C SER A 67 -17.33 -12.65 -9.15
N LYS A 68 -16.34 -11.74 -9.30
CA LYS A 68 -16.15 -11.09 -10.60
C LYS A 68 -15.53 -12.01 -11.62
N ILE A 69 -14.82 -13.05 -11.15
CA ILE A 69 -14.41 -14.14 -12.03
C ILE A 69 -15.59 -15.09 -12.40
N ALA A 70 -16.39 -15.49 -11.41
CA ALA A 70 -17.48 -16.46 -11.64
C ALA A 70 -18.59 -15.88 -12.56
N ASP A 71 -18.82 -14.57 -12.54
CA ASP A 71 -19.91 -14.03 -13.35
C ASP A 71 -19.39 -13.64 -14.74
N GLY A 72 -18.13 -14.02 -14.99
CA GLY A 72 -17.39 -13.77 -16.24
C GLY A 72 -16.76 -12.40 -16.51
N SER A 73 -16.77 -11.48 -15.55
CA SER A 73 -16.28 -10.10 -15.75
C SER A 73 -14.81 -9.97 -15.96
N VAL A 74 -14.00 -10.72 -15.18
CA VAL A 74 -12.55 -10.76 -15.34
C VAL A 74 -12.09 -12.22 -15.17
N LYS A 75 -10.84 -12.46 -15.57
CA LYS A 75 -10.14 -13.68 -15.31
C LYS A 75 -9.18 -13.46 -14.14
N ARG A 76 -8.81 -14.53 -13.43
CA ARG A 76 -7.91 -14.41 -12.27
C ARG A 76 -6.64 -13.69 -12.72
N GLU A 77 -6.16 -14.04 -13.90
CA GLU A 77 -4.94 -13.47 -14.43
C GLU A 77 -5.00 -11.96 -14.71
N ASP A 78 -6.21 -11.41 -14.71
CA ASP A 78 -6.45 -9.97 -14.99
C ASP A 78 -6.35 -9.18 -13.69
N ILE A 79 -6.44 -9.85 -12.53
CA ILE A 79 -6.55 -9.18 -11.22
C ILE A 79 -5.16 -9.26 -10.60
N PHE A 80 -4.75 -8.13 -10.03
CA PHE A 80 -3.47 -8.13 -9.27
C PHE A 80 -3.84 -7.93 -7.79
N TYR A 81 -3.70 -8.98 -6.96
CA TYR A 81 -4.18 -8.92 -5.55
C TYR A 81 -2.91 -8.88 -4.67
N THR A 82 -2.92 -7.93 -3.77
CA THR A 82 -1.82 -7.85 -2.79
C THR A 82 -2.32 -8.17 -1.37
N SER A 83 -1.50 -8.90 -0.60
CA SER A 83 -1.65 -8.88 0.84
C SER A 83 -0.32 -8.64 1.53
N LYS A 84 -0.33 -8.61 2.86
CA LYS A 84 0.83 -8.17 3.59
C LYS A 84 1.01 -8.96 4.85
N LEU A 85 2.28 -9.20 5.15
CA LEU A 85 2.76 -9.89 6.36
C LEU A 85 2.73 -8.91 7.55
N TRP A 86 1.93 -9.24 8.56
CA TRP A 86 1.84 -8.36 9.71
C TRP A 86 3.07 -8.49 10.63
N SER A 87 3.33 -7.41 11.36
CA SER A 87 4.60 -7.21 12.11
C SER A 87 4.88 -8.21 13.27
N THR A 88 3.81 -8.88 13.69
CA THR A 88 3.94 -9.95 14.71
C THR A 88 4.49 -11.24 14.05
N PHE A 89 4.65 -11.27 12.71
CA PHE A 89 4.98 -12.52 11.98
C PHE A 89 6.32 -12.38 11.29
N HIS A 90 7.18 -11.44 11.75
CA HIS A 90 8.50 -11.25 11.10
C HIS A 90 9.48 -12.41 11.30
N ARG A 91 9.36 -13.12 12.39
CA ARG A 91 10.25 -14.31 12.63
C ARG A 91 10.12 -15.29 11.50
N PRO A 92 11.24 -15.73 10.90
CA PRO A 92 11.18 -16.40 9.62
C PRO A 92 10.24 -17.57 9.56
N GLU A 93 10.10 -18.27 10.68
CA GLU A 93 9.30 -19.51 10.71
C GLU A 93 7.79 -19.17 10.60
N LEU A 94 7.45 -17.91 10.90
CA LEU A 94 6.06 -17.48 10.84
C LEU A 94 5.58 -16.88 9.52
N VAL A 95 6.51 -16.67 8.58
CA VAL A 95 6.19 -15.92 7.35
C VAL A 95 5.35 -16.77 6.41
N ARG A 96 5.81 -17.97 6.04
CA ARG A 96 5.01 -18.81 5.20
C ARG A 96 3.63 -19.12 5.81
N PRO A 97 3.53 -19.50 7.08
CA PRO A 97 2.21 -19.74 7.62
C PRO A 97 1.30 -18.53 7.58
N ALA A 98 1.85 -17.32 7.77
CA ALA A 98 0.98 -16.13 7.68
C ALA A 98 0.43 -16.00 6.24
N LEU A 99 1.30 -16.18 5.28
CA LEU A 99 0.85 -16.17 3.85
C LEU A 99 -0.21 -17.22 3.55
N GLU A 100 0.01 -18.45 4.02
CA GLU A 100 -0.98 -19.49 3.81
C GLU A 100 -2.32 -19.10 4.42
N ASN A 101 -2.30 -18.49 5.60
CA ASN A 101 -3.49 -17.95 6.24
C ASN A 101 -4.22 -16.93 5.36
N SER A 102 -3.47 -16.01 4.77
CA SER A 102 -4.07 -15.02 3.89
C SER A 102 -4.69 -15.67 2.62
N LEU A 103 -4.03 -16.72 2.13
CA LEU A 103 -4.57 -17.40 0.92
C LEU A 103 -5.86 -18.15 1.25
N LYS A 104 -5.89 -18.77 2.41
CA LYS A 104 -7.12 -19.46 2.84
C LYS A 104 -8.25 -18.46 3.10
N LYS A 105 -7.95 -17.31 3.68
CA LYS A 105 -8.97 -16.28 3.92
C LYS A 105 -9.60 -15.85 2.56
N ALA A 106 -8.74 -15.55 1.60
CA ALA A 106 -9.18 -15.01 0.29
C ALA A 106 -9.71 -16.11 -0.65
N GLN A 107 -9.42 -17.37 -0.32
CA GLN A 107 -9.69 -18.54 -1.17
C GLN A 107 -9.05 -18.46 -2.50
N LEU A 108 -7.76 -18.08 -2.48
CA LEU A 108 -6.97 -17.92 -3.70
C LEU A 108 -5.83 -18.88 -3.69
N ASP A 109 -5.41 -19.34 -4.88
CA ASP A 109 -4.26 -20.20 -4.95
C ASP A 109 -2.96 -19.48 -4.78
N TYR A 110 -2.91 -18.19 -5.19
CA TYR A 110 -1.72 -17.37 -4.98
C TYR A 110 -2.12 -15.90 -4.81
N VAL A 111 -1.21 -15.10 -4.21
CA VAL A 111 -1.30 -13.63 -4.24
C VAL A 111 -0.38 -13.11 -5.33
N ASP A 112 -0.74 -11.99 -5.96
CA ASP A 112 0.14 -11.49 -6.99
C ASP A 112 1.34 -10.82 -6.26
N LEU A 113 1.13 -10.33 -5.03
CA LEU A 113 2.17 -9.59 -4.34
C LEU A 113 1.99 -9.84 -2.87
N TYR A 114 3.09 -10.11 -2.20
CA TYR A 114 3.05 -10.21 -0.70
C TYR A 114 4.09 -9.26 -0.17
N LEU A 115 3.72 -8.36 0.75
CA LEU A 115 4.70 -7.38 1.31
C LEU A 115 4.97 -7.61 2.76
N ILE A 116 6.23 -7.35 3.17
CA ILE A 116 6.43 -7.06 4.60
C ILE A 116 5.68 -5.72 4.90
N HIS A 117 4.61 -5.77 5.70
CA HIS A 117 3.72 -4.60 5.88
C HIS A 117 4.53 -3.41 6.52
N SER A 118 5.51 -3.72 7.38
CA SER A 118 6.21 -2.66 8.16
C SER A 118 7.58 -3.22 8.63
N PRO A 119 8.59 -2.35 8.73
CA PRO A 119 9.90 -2.79 9.32
C PRO A 119 9.87 -2.87 10.82
N MET A 120 8.78 -2.39 11.40
CA MET A 120 8.69 -2.31 12.93
C MET A 120 8.17 -3.65 13.52
N SER A 121 9.07 -4.62 13.59
CA SER A 121 8.72 -5.97 14.22
C SER A 121 8.10 -5.88 15.61
N LEU A 122 7.07 -6.70 15.83
CA LEU A 122 6.27 -6.72 17.07
C LEU A 122 6.40 -8.08 17.69
N LYS A 123 6.32 -8.05 19.04
CA LYS A 123 6.36 -9.26 19.86
C LYS A 123 5.36 -10.24 19.26
N PRO A 124 5.85 -11.42 18.91
CA PRO A 124 4.92 -12.47 18.45
C PRO A 124 3.85 -12.87 19.47
N GLY A 125 2.69 -13.24 18.96
CA GLY A 125 1.60 -13.62 19.89
C GLY A 125 0.26 -13.46 19.23
N GLU A 126 -0.77 -13.42 20.07
CA GLU A 126 -2.18 -13.35 19.64
C GLU A 126 -2.65 -11.96 19.30
N GLU A 127 -2.10 -10.94 19.98
CA GLU A 127 -2.46 -9.54 19.71
C GLU A 127 -1.89 -8.97 18.42
N LEU A 128 -2.67 -8.18 17.67
CA LEU A 128 -2.16 -7.46 16.47
C LEU A 128 -1.24 -6.34 16.89
N SER A 129 -1.60 -5.70 18.00
CA SER A 129 -0.77 -4.62 18.46
C SER A 129 -0.48 -4.79 19.97
N PRO A 130 0.46 -5.69 20.31
CA PRO A 130 0.84 -5.89 21.71
C PRO A 130 1.38 -4.58 22.33
N THR A 131 0.79 -4.14 23.44
CA THR A 131 1.01 -2.78 23.96
C THR A 131 1.70 -2.81 25.34
N ASP A 132 2.55 -1.83 25.66
CA ASP A 132 3.37 -1.89 26.89
C ASP A 132 2.86 -1.29 28.23
N GLU A 133 1.74 -0.60 28.22
CA GLU A 133 1.24 0.14 29.44
C GLU A 133 1.34 1.65 29.28
N ASN A 134 2.44 2.13 28.70
CA ASN A 134 2.47 3.50 28.16
C ASN A 134 1.72 3.56 26.84
N GLY A 135 1.35 2.39 26.29
CA GLY A 135 0.65 2.36 25.02
C GLY A 135 1.61 2.28 23.84
N LYS A 136 2.88 1.96 24.13
CA LYS A 136 3.85 1.77 23.06
C LYS A 136 3.84 0.31 22.62
N VAL A 137 3.83 0.10 21.31
CA VAL A 137 3.84 -1.27 20.79
C VAL A 137 5.08 -2.01 21.36
N ILE A 138 4.92 -3.29 21.68
CA ILE A 138 6.00 -4.08 22.30
C ILE A 138 6.83 -4.62 21.17
N PHE A 139 8.06 -4.15 21.10
CA PHE A 139 8.86 -4.42 19.96
C PHE A 139 9.49 -5.79 20.05
N ASP A 140 9.95 -6.26 18.90
CA ASP A 140 10.68 -7.52 18.76
C ASP A 140 11.93 -7.14 17.99
N ILE A 141 13.00 -7.87 18.23
CA ILE A 141 14.23 -7.74 17.49
C ILE A 141 14.37 -8.89 16.56
N VAL A 142 14.19 -8.59 15.29
CA VAL A 142 14.30 -9.54 14.26
C VAL A 142 15.17 -8.93 13.16
N ASP A 143 16.09 -9.72 12.68
CA ASP A 143 16.84 -9.37 11.51
C ASP A 143 15.95 -9.49 10.31
N LEU A 144 15.63 -8.35 9.67
CA LEU A 144 14.70 -8.37 8.58
C LEU A 144 15.27 -9.05 7.36
N CYS A 145 16.61 -9.13 7.26
CA CYS A 145 17.16 -9.99 6.23
C CYS A 145 16.70 -11.46 6.24
N THR A 146 16.40 -12.01 7.42
CA THR A 146 15.97 -13.40 7.59
C THR A 146 14.44 -13.50 7.30
N THR A 147 13.70 -12.44 7.67
CA THR A 147 12.33 -12.33 7.22
C THR A 147 12.27 -12.27 5.70
N TRP A 148 13.16 -11.50 5.08
CA TRP A 148 13.22 -11.47 3.60
C TRP A 148 13.59 -12.83 2.99
N GLU A 149 14.48 -13.59 3.59
CA GLU A 149 14.77 -14.92 3.04
C GLU A 149 13.53 -15.84 3.04
N ALA A 150 12.71 -15.73 4.09
CA ALA A 150 11.41 -16.40 4.20
C ALA A 150 10.44 -15.96 3.10
N MET A 151 10.42 -14.67 2.76
CA MET A 151 9.58 -14.17 1.68
C MET A 151 10.01 -14.81 0.38
N GLU A 152 11.31 -14.89 0.17
CA GLU A 152 11.88 -15.40 -1.10
C GLU A 152 11.48 -16.87 -1.27
N LYS A 153 11.47 -17.61 -0.16
CA LYS A 153 11.01 -19.00 -0.20
C LYS A 153 9.56 -19.14 -0.63
N CYS A 154 8.70 -18.20 -0.18
CA CYS A 154 7.29 -18.05 -0.58
C CYS A 154 7.15 -17.81 -2.09
N LYS A 155 8.03 -16.99 -2.65
CA LYS A 155 7.97 -16.78 -4.11
C LYS A 155 8.43 -18.06 -4.83
N ASP A 156 9.45 -18.68 -4.27
CA ASP A 156 9.95 -19.92 -4.90
C ASP A 156 8.92 -21.01 -4.87
N ALA A 157 8.04 -21.02 -3.86
CA ALA A 157 6.96 -22.05 -3.79
C ALA A 157 5.72 -21.75 -4.56
N GLY A 158 5.61 -20.52 -5.10
CA GLY A 158 4.47 -20.14 -5.88
C GLY A 158 3.32 -19.57 -5.06
N LEU A 159 3.54 -19.25 -3.78
CA LEU A 159 2.51 -18.75 -2.88
C LEU A 159 2.29 -17.28 -3.24
N ALA A 160 3.35 -16.63 -3.68
CA ALA A 160 3.23 -15.17 -4.13
C ALA A 160 3.97 -15.06 -5.42
N LYS A 161 3.40 -14.39 -6.38
CA LYS A 161 4.10 -14.18 -7.67
C LYS A 161 5.25 -13.22 -7.51
N SER A 162 5.01 -12.18 -6.73
CA SER A 162 6.01 -11.17 -6.48
C SER A 162 6.08 -10.88 -4.99
N ILE A 163 7.23 -10.38 -4.55
CA ILE A 163 7.41 -10.02 -3.17
C ILE A 163 8.01 -8.61 -3.02
N GLY A 164 7.66 -7.91 -1.93
CA GLY A 164 8.18 -6.54 -1.76
C GLY A 164 8.06 -6.11 -0.35
N VAL A 165 8.24 -4.82 -0.09
CA VAL A 165 8.23 -4.32 1.30
C VAL A 165 7.27 -3.14 1.33
N SER A 166 7.00 -2.70 2.56
CA SER A 166 6.16 -1.53 2.79
C SER A 166 6.71 -0.78 4.03
N ASN A 167 6.64 0.52 3.95
CA ASN A 167 7.07 1.47 5.06
C ASN A 167 8.58 1.38 5.32
N PHE A 168 9.36 0.93 4.33
CA PHE A 168 10.81 0.91 4.53
C PHE A 168 11.35 2.26 4.11
N ASN A 169 12.30 2.78 4.89
CA ASN A 169 13.02 3.95 4.39
C ASN A 169 14.19 3.51 3.45
N ARG A 170 14.90 4.44 2.86
CA ARG A 170 16.00 4.05 1.92
C ARG A 170 17.07 3.18 2.60
N ARG A 171 17.41 3.50 3.84
CA ARG A 171 18.48 2.71 4.44
C ARG A 171 18.05 1.25 4.74
N GLN A 172 16.82 1.11 5.21
CA GLN A 172 16.21 -0.19 5.33
C GLN A 172 16.11 -0.99 4.02
N LEU A 173 15.75 -0.32 2.92
CA LEU A 173 15.76 -0.96 1.60
C LEU A 173 17.14 -1.38 1.21
N GLU A 174 18.08 -0.47 1.45
CA GLU A 174 19.51 -0.75 1.22
C GLU A 174 19.99 -1.98 1.90
N MET A 175 19.54 -2.21 3.12
CA MET A 175 19.98 -3.38 3.87
C MET A 175 19.56 -4.70 3.24
N ILE A 176 18.35 -4.72 2.71
CA ILE A 176 17.90 -5.86 1.97
C ILE A 176 18.70 -6.07 0.68
N LEU A 177 18.86 -4.97 -0.05
CA LEU A 177 19.58 -5.01 -1.33
C LEU A 177 21.00 -5.49 -1.23
N ASN A 178 21.68 -5.19 -0.12
CA ASN A 178 23.07 -5.60 0.04
C ASN A 178 23.16 -6.91 0.80
N LYS A 179 22.05 -7.62 0.97
CA LYS A 179 22.11 -8.90 1.67
C LYS A 179 22.94 -9.91 0.88
N PRO A 180 23.88 -10.58 1.56
CA PRO A 180 24.62 -11.65 0.92
C PRO A 180 23.68 -12.77 0.45
N GLY A 181 23.86 -13.24 -0.78
CA GLY A 181 23.09 -14.37 -1.30
C GLY A 181 21.63 -13.97 -1.65
N LEU A 182 21.35 -12.66 -1.68
CA LEU A 182 19.98 -12.19 -2.12
C LEU A 182 19.53 -12.89 -3.41
N LYS A 183 18.31 -13.39 -3.41
CA LYS A 183 17.83 -14.01 -4.60
C LYS A 183 16.88 -13.14 -5.38
N TYR A 184 15.98 -12.44 -4.67
CA TYR A 184 14.98 -11.57 -5.29
C TYR A 184 14.97 -10.19 -4.64
N LYS A 185 15.12 -9.16 -5.47
CA LYS A 185 14.98 -7.85 -4.88
C LYS A 185 13.48 -7.60 -4.55
N PRO A 186 13.18 -6.77 -3.54
CA PRO A 186 11.74 -6.30 -3.45
C PRO A 186 11.26 -5.68 -4.80
N VAL A 187 10.07 -6.00 -5.28
CA VAL A 187 9.54 -5.41 -6.51
C VAL A 187 9.11 -3.95 -6.27
N CYS A 188 8.82 -3.65 -5.00
CA CYS A 188 8.14 -2.38 -4.71
C CYS A 188 8.39 -2.04 -3.24
N ASN A 189 8.19 -0.78 -2.88
CA ASN A 189 8.16 -0.33 -1.49
C ASN A 189 6.90 0.51 -1.40
N GLN A 190 5.91 0.02 -0.63
CA GLN A 190 4.63 0.73 -0.51
C GLN A 190 4.73 1.64 0.68
N VAL A 191 4.61 2.95 0.44
CA VAL A 191 4.88 3.94 1.52
C VAL A 191 3.86 5.08 1.46
N GLU A 192 3.76 5.82 2.61
CA GLU A 192 2.89 7.02 2.66
C GLU A 192 3.49 8.03 1.66
N CYS A 193 2.68 8.47 0.71
CA CYS A 193 3.21 9.39 -0.31
C CYS A 193 2.07 10.19 -0.89
N HIS A 194 2.20 11.52 -0.85
CA HIS A 194 1.14 12.46 -1.36
C HIS A 194 1.82 13.84 -1.44
N PRO A 195 1.13 14.89 -1.88
CA PRO A 195 1.83 16.17 -2.06
C PRO A 195 2.30 16.77 -0.76
N TYR A 196 1.74 16.35 0.39
CA TYR A 196 2.34 16.85 1.64
C TYR A 196 3.56 16.09 2.19
N PHE A 197 3.88 14.98 1.51
CA PHE A 197 5.01 14.11 1.92
C PHE A 197 5.41 13.32 0.65
N ASN A 198 6.16 13.96 -0.27
CA ASN A 198 6.18 13.45 -1.65
C ASN A 198 7.34 12.44 -1.92
N ARG A 199 8.19 12.32 -0.91
CA ARG A 199 9.19 11.22 -0.76
C ARG A 199 10.07 11.28 -2.00
N SER A 200 10.38 12.47 -2.50
CA SER A 200 11.13 12.53 -3.77
C SER A 200 12.54 11.86 -3.69
N LYS A 201 13.22 11.96 -2.53
CA LYS A 201 14.58 11.30 -2.36
C LYS A 201 14.43 9.78 -2.36
N LEU A 202 13.42 9.32 -1.69
CA LEU A 202 13.14 7.88 -1.72
C LEU A 202 12.72 7.38 -3.11
N LEU A 203 11.90 8.17 -3.82
CA LEU A 203 11.50 7.86 -5.17
C LEU A 203 12.72 7.71 -6.07
N ASP A 204 13.66 8.61 -5.92
CA ASP A 204 14.84 8.63 -6.83
C ASP A 204 15.67 7.37 -6.55
N PHE A 205 15.79 7.02 -5.26
CA PHE A 205 16.51 5.81 -4.90
C PHE A 205 15.81 4.58 -5.44
N CYS A 206 14.49 4.47 -5.24
CA CYS A 206 13.77 3.34 -5.81
C CYS A 206 13.97 3.25 -7.34
N LYS A 207 13.80 4.37 -8.03
CA LYS A 207 13.97 4.36 -9.49
C LYS A 207 15.38 3.84 -9.83
N SER A 208 16.38 4.29 -9.08
CA SER A 208 17.77 3.78 -9.37
C SER A 208 17.97 2.27 -9.18
N LYS A 209 17.11 1.67 -8.35
CA LYS A 209 17.15 0.23 -8.04
C LYS A 209 16.13 -0.64 -8.76
N ASP A 210 15.41 -0.07 -9.73
CA ASP A 210 14.26 -0.75 -10.40
C ASP A 210 13.28 -1.29 -9.35
N ILE A 211 13.02 -0.48 -8.33
CA ILE A 211 11.96 -0.80 -7.35
C ILE A 211 10.80 0.18 -7.50
N VAL A 212 9.57 -0.33 -7.66
CA VAL A 212 8.40 0.58 -7.82
C VAL A 212 8.04 1.23 -6.44
N LEU A 213 7.85 2.54 -6.39
CA LEU A 213 7.25 3.15 -5.23
C LEU A 213 5.74 3.12 -5.42
N VAL A 214 5.04 2.58 -4.39
CA VAL A 214 3.57 2.49 -4.43
C VAL A 214 3.08 3.43 -3.32
N ALA A 215 2.28 4.41 -3.70
CA ALA A 215 1.83 5.40 -2.74
C ALA A 215 0.55 5.00 -2.06
N TYR A 216 0.58 4.99 -0.71
CA TYR A 216 -0.69 4.89 0.05
C TYR A 216 -0.95 6.22 0.79
N SER A 217 -2.21 6.35 1.23
CA SER A 217 -2.72 7.64 1.75
C SER A 217 -2.42 8.76 0.76
N ALA A 218 -2.57 8.40 -0.51
CA ALA A 218 -2.33 9.36 -1.61
C ALA A 218 -3.36 10.47 -1.60
N LEU A 219 -4.47 10.25 -0.93
CA LEU A 219 -5.57 11.28 -0.94
C LEU A 219 -5.58 11.94 0.43
N GLY A 220 -4.56 11.67 1.20
CA GLY A 220 -4.38 12.30 2.50
C GLY A 220 -4.78 11.49 3.71
N SER A 221 -5.10 10.18 3.50
CA SER A 221 -5.47 9.24 4.59
C SER A 221 -6.93 9.38 5.05
N GLN A 222 -7.38 8.38 5.81
CA GLN A 222 -8.75 8.39 6.32
C GLN A 222 -8.89 9.22 7.56
N ARG A 223 -7.78 9.76 8.05
CA ARG A 223 -7.75 10.70 9.18
C ARG A 223 -8.21 10.05 10.49
N ASP A 224 -7.80 8.79 10.73
CA ASP A 224 -8.29 8.04 11.86
C ASP A 224 -7.56 8.55 13.14
N LYS A 225 -8.35 9.00 14.06
CA LYS A 225 -7.86 9.50 15.39
C LYS A 225 -6.99 8.58 16.24
N ARG A 226 -6.95 7.30 15.91
CA ARG A 226 -5.98 6.42 16.53
C ARG A 226 -4.54 6.90 16.25
N TRP A 227 -4.28 7.48 15.06
CA TRP A 227 -2.87 7.71 14.64
C TRP A 227 -2.61 9.09 14.06
N VAL A 228 -3.69 9.84 13.83
CA VAL A 228 -3.70 11.13 13.00
C VAL A 228 -4.21 12.36 13.80
N ASP A 229 -3.40 13.41 13.82
CA ASP A 229 -3.71 14.66 14.50
C ASP A 229 -4.73 15.45 13.71
N PRO A 230 -5.93 15.74 14.29
CA PRO A 230 -6.98 16.45 13.54
C PRO A 230 -6.62 17.90 13.14
N ASN A 231 -5.58 18.44 13.75
CA ASN A 231 -5.10 19.78 13.34
C ASN A 231 -4.32 19.70 12.03
N SER A 232 -3.82 18.51 11.65
CA SER A 232 -3.10 18.42 10.37
C SER A 232 -3.89 18.95 9.16
N PRO A 233 -3.21 19.65 8.27
CA PRO A 233 -3.89 20.19 7.04
C PRO A 233 -4.55 19.01 6.31
N VAL A 234 -5.78 19.21 5.82
CA VAL A 234 -6.49 18.17 5.09
C VAL A 234 -6.05 18.23 3.62
N LEU A 235 -5.40 17.16 3.12
CA LEU A 235 -4.77 17.24 1.80
C LEU A 235 -5.78 17.73 0.75
N LEU A 236 -7.00 17.17 0.73
CA LEU A 236 -7.94 17.50 -0.40
C LEU A 236 -8.55 18.90 -0.32
N GLU A 237 -8.23 19.61 0.78
CA GLU A 237 -8.68 21.03 0.92
C GLU A 237 -7.50 21.92 0.56
N ASP A 238 -6.41 21.36 0.07
CA ASP A 238 -5.27 22.22 -0.22
C ASP A 238 -5.63 23.22 -1.33
N PRO A 239 -5.27 24.51 -1.12
CA PRO A 239 -5.70 25.48 -2.11
C PRO A 239 -5.04 25.31 -3.51
N VAL A 240 -3.80 24.87 -3.54
CA VAL A 240 -3.15 24.64 -4.81
C VAL A 240 -3.86 23.45 -5.56
N LEU A 241 -4.14 22.35 -4.83
CA LEU A 241 -4.83 21.19 -5.51
C LEU A 241 -6.21 21.61 -6.01
N CYS A 242 -6.86 22.46 -5.20
CA CYS A 242 -8.21 22.95 -5.50
C CYS A 242 -8.17 23.85 -6.72
N ALA A 243 -7.13 24.71 -6.78
CA ALA A 243 -6.96 25.61 -7.91
C ALA A 243 -6.70 24.77 -9.19
N LEU A 244 -5.84 23.78 -9.05
CA LEU A 244 -5.60 22.84 -10.18
C LEU A 244 -6.83 22.03 -10.56
N ALA A 245 -7.64 21.65 -9.58
CA ALA A 245 -8.91 20.92 -9.90
C ALA A 245 -9.82 21.85 -10.78
N LYS A 246 -9.95 23.11 -10.37
CA LYS A 246 -10.77 24.05 -11.18
C LYS A 246 -10.20 24.32 -12.61
N LYS A 247 -8.86 24.40 -12.68
CA LYS A 247 -8.14 24.62 -13.95
C LYS A 247 -8.43 23.49 -14.94
N HIS A 248 -8.52 22.27 -14.42
CA HIS A 248 -8.70 21.17 -15.34
C HIS A 248 -10.12 20.69 -15.32
N LYS A 249 -10.98 21.33 -14.47
CA LYS A 249 -12.39 20.80 -14.25
C LYS A 249 -12.37 19.32 -13.86
N ARG A 250 -11.41 19.02 -12.95
CA ARG A 250 -11.37 17.72 -12.28
C ARG A 250 -11.73 17.90 -10.81
N THR A 251 -11.13 17.10 -9.94
CA THR A 251 -11.35 17.29 -8.52
C THR A 251 -9.98 17.27 -7.82
N PRO A 252 -9.92 17.69 -6.56
CA PRO A 252 -8.62 17.68 -5.94
C PRO A 252 -8.11 16.24 -5.75
N ALA A 253 -8.96 15.25 -5.49
CA ALA A 253 -8.47 13.85 -5.48
C ALA A 253 -7.82 13.48 -6.82
N LEU A 254 -8.49 13.77 -7.93
CA LEU A 254 -8.00 13.32 -9.22
C LEU A 254 -6.65 13.97 -9.43
N ILE A 255 -6.51 15.23 -9.02
CA ILE A 255 -5.23 15.95 -9.10
C ILE A 255 -4.14 15.22 -8.32
N ALA A 256 -4.48 14.86 -7.09
CA ALA A 256 -3.52 14.11 -6.23
C ALA A 256 -3.12 12.75 -6.85
N LEU A 257 -4.10 12.01 -7.44
CA LEU A 257 -3.75 10.70 -8.09
C LEU A 257 -2.89 10.88 -9.33
N ARG A 258 -3.24 11.85 -10.14
CA ARG A 258 -2.52 12.06 -11.42
C ARG A 258 -1.09 12.49 -11.19
N TYR A 259 -0.85 13.30 -10.17
CA TYR A 259 0.47 13.66 -9.81
C TYR A 259 1.38 12.47 -9.59
N GLN A 260 0.89 11.48 -8.89
CA GLN A 260 1.71 10.25 -8.67
C GLN A 260 2.03 9.56 -9.97
N LEU A 261 1.05 9.37 -10.86
CA LEU A 261 1.33 8.59 -12.05
C LEU A 261 2.43 9.27 -12.88
N GLN A 262 2.37 10.63 -12.91
CA GLN A 262 3.33 11.37 -13.70
C GLN A 262 4.76 11.42 -13.11
N ARG A 263 4.92 10.99 -11.85
CA ARG A 263 6.27 10.85 -11.31
C ARG A 263 6.74 9.40 -11.43
N GLY A 264 5.96 8.53 -12.08
CA GLY A 264 6.30 7.06 -12.13
C GLY A 264 6.01 6.29 -10.84
N VAL A 265 5.11 6.82 -10.05
CA VAL A 265 4.59 6.15 -8.81
C VAL A 265 3.29 5.44 -9.11
N VAL A 266 3.20 4.17 -8.66
CA VAL A 266 1.95 3.47 -8.71
C VAL A 266 1.13 3.99 -7.56
N VAL A 267 -0.15 4.23 -7.79
CA VAL A 267 -0.95 4.93 -6.74
C VAL A 267 -2.22 4.13 -6.31
N LEU A 268 -2.44 4.08 -4.99
CA LEU A 268 -3.68 3.44 -4.40
C LEU A 268 -4.69 4.51 -4.18
N ALA A 269 -5.95 4.14 -4.20
CA ALA A 269 -7.01 5.07 -3.73
C ALA A 269 -8.08 4.25 -3.07
N LYS A 270 -8.36 4.56 -1.79
CA LYS A 270 -9.45 3.93 -1.11
C LYS A 270 -10.68 4.82 -1.26
N SER A 271 -11.78 4.23 -1.67
CA SER A 271 -13.13 4.87 -1.41
C SER A 271 -14.15 3.79 -1.16
N TYR A 272 -15.10 4.02 -0.22
CA TYR A 272 -16.25 3.11 -0.09
C TYR A 272 -17.54 3.75 -0.62
N ASN A 273 -17.38 4.75 -1.48
CA ASN A 273 -18.53 5.47 -2.07
C ASN A 273 -18.60 5.20 -3.54
N GLU A 274 -19.75 4.74 -4.04
CA GLU A 274 -19.88 4.31 -5.39
C GLU A 274 -19.46 5.37 -6.36
N GLN A 275 -19.80 6.62 -6.06
CA GLN A 275 -19.50 7.71 -6.98
C GLN A 275 -18.00 7.99 -7.07
N ARG A 276 -17.33 8.05 -5.94
CA ARG A 276 -15.88 8.36 -5.89
C ARG A 276 -15.04 7.24 -6.41
N ILE A 277 -15.43 5.99 -6.12
CA ILE A 277 -14.77 4.87 -6.78
C ILE A 277 -14.71 5.06 -8.31
N ARG A 278 -15.85 5.39 -8.91
CA ARG A 278 -15.90 5.54 -10.37
C ARG A 278 -15.15 6.78 -10.81
N GLN A 279 -15.26 7.82 -10.03
CA GLN A 279 -14.51 9.03 -10.27
C GLN A 279 -12.98 8.78 -10.34
N ASN A 280 -12.47 7.93 -9.48
CA ASN A 280 -11.05 7.79 -9.32
C ASN A 280 -10.40 7.16 -10.56
N VAL A 281 -11.11 6.31 -11.29
CA VAL A 281 -10.57 5.82 -12.57
C VAL A 281 -10.37 6.93 -13.66
N GLN A 282 -10.91 8.15 -13.42
CA GLN A 282 -10.74 9.26 -14.35
C GLN A 282 -9.33 9.72 -14.35
N VAL A 283 -8.50 9.15 -13.47
CA VAL A 283 -7.12 9.54 -13.41
C VAL A 283 -6.44 9.31 -14.77
N PHE A 284 -6.96 8.41 -15.59
CA PHE A 284 -6.37 8.12 -16.85
C PHE A 284 -6.87 9.03 -17.97
N GLU A 285 -7.71 10.01 -17.63
CA GLU A 285 -8.47 10.73 -18.68
C GLU A 285 -7.90 12.14 -18.92
N PHE A 286 -6.89 12.56 -18.15
CA PHE A 286 -6.34 13.89 -18.33
C PHE A 286 -4.85 13.93 -17.90
N GLN A 287 -4.17 15.06 -18.18
CA GLN A 287 -2.70 15.18 -17.87
C GLN A 287 -2.45 16.53 -17.18
N LEU A 288 -1.50 16.53 -16.25
CA LEU A 288 -1.03 17.74 -15.59
C LEU A 288 0.14 18.30 -16.40
N THR A 289 0.33 19.61 -16.48
CA THR A 289 1.50 20.15 -17.19
C THR A 289 2.69 20.17 -16.28
N ALA A 290 3.83 20.49 -16.83
CA ALA A 290 5.05 20.56 -16.04
C ALA A 290 4.94 21.63 -15.02
N GLU A 291 4.30 22.75 -15.34
CA GLU A 291 4.17 23.73 -14.25
C GLU A 291 3.21 23.26 -13.18
N ASP A 292 2.13 22.53 -13.57
CA ASP A 292 1.20 21.96 -12.55
C ASP A 292 1.99 21.05 -11.61
N MET A 293 2.87 20.23 -12.16
CA MET A 293 3.63 19.34 -11.33
C MET A 293 4.57 20.09 -10.39
N LYS A 294 5.20 21.14 -10.88
CA LYS A 294 6.04 21.96 -10.05
C LYS A 294 5.28 22.62 -8.91
N ALA A 295 4.08 23.15 -9.15
CA ALA A 295 3.26 23.69 -8.11
C ALA A 295 2.95 22.64 -7.08
N ILE A 296 2.68 21.42 -7.53
CA ILE A 296 2.32 20.40 -6.52
C ILE A 296 3.60 20.01 -5.76
N ASP A 297 4.77 20.00 -6.41
CA ASP A 297 6.01 19.69 -5.70
C ASP A 297 6.25 20.69 -4.60
N GLY A 298 5.71 21.89 -4.76
CA GLY A 298 5.95 22.89 -3.72
C GLY A 298 5.19 22.62 -2.45
N LEU A 299 4.25 21.68 -2.43
CA LEU A 299 3.41 21.49 -1.25
C LEU A 299 4.15 20.70 -0.17
N ASP A 300 5.29 20.09 -0.52
CA ASP A 300 5.92 19.08 0.39
C ASP A 300 6.18 19.71 1.78
N ARG A 301 5.78 19.03 2.82
CA ARG A 301 6.00 19.56 4.14
C ARG A 301 6.41 18.49 5.12
N ASN A 302 6.90 17.35 4.61
CA ASN A 302 7.36 16.23 5.48
C ASN A 302 6.24 15.78 6.41
N LEU A 303 5.00 15.78 5.92
CA LEU A 303 3.82 15.50 6.78
C LEU A 303 3.36 14.02 6.61
N HIS A 304 3.75 13.14 7.52
CA HIS A 304 3.12 11.81 7.52
C HIS A 304 1.92 11.80 8.48
N TYR A 305 0.76 11.51 7.94
CA TYR A 305 -0.50 11.44 8.71
C TYR A 305 -0.41 10.37 9.82
N PHE A 306 0.29 9.28 9.55
CA PHE A 306 0.59 8.27 10.58
C PHE A 306 1.70 8.78 11.45
N ASN A 307 1.35 9.14 12.70
CA ASN A 307 2.25 9.93 13.51
C ASN A 307 1.92 9.73 14.97
N SER A 308 2.02 8.49 15.43
CA SER A 308 1.62 8.19 16.80
C SER A 308 2.78 7.78 17.72
N ASP A 309 2.69 8.21 18.98
CA ASP A 309 3.62 7.77 20.04
C ASP A 309 3.68 6.24 20.13
N SER A 310 2.59 5.62 19.69
CA SER A 310 2.45 4.08 19.59
C SER A 310 3.64 3.45 18.94
N PHE A 311 4.10 4.08 17.85
CA PHE A 311 5.26 3.62 17.05
C PHE A 311 6.47 4.52 16.88
N ALA A 312 6.38 5.82 17.27
CA ALA A 312 7.47 6.74 16.94
C ALA A 312 8.77 6.48 17.69
N SER A 313 8.66 5.70 18.75
CA SER A 313 9.79 5.31 19.55
C SER A 313 10.28 3.91 19.21
N HIS A 314 9.66 3.27 18.23
CA HIS A 314 10.07 1.90 17.90
C HIS A 314 11.49 1.99 17.27
N PRO A 315 12.39 0.98 17.55
CA PRO A 315 13.80 1.00 17.04
C PRO A 315 13.90 1.10 15.56
N ASN A 316 12.90 0.56 14.86
CA ASN A 316 12.91 0.60 13.39
C ASN A 316 11.87 1.54 12.77
N TYR A 317 11.44 2.52 13.55
CA TYR A 317 10.65 3.61 12.94
C TYR A 317 11.32 4.21 11.71
N PRO A 318 10.63 4.22 10.58
CA PRO A 318 11.33 4.64 9.36
C PRO A 318 11.52 6.10 9.27
N TYR A 319 10.73 6.83 10.04
CA TYR A 319 10.81 8.32 9.91
C TYR A 319 11.85 8.95 10.81
N SER A 320 12.50 8.14 11.61
CA SER A 320 13.70 8.58 12.30
C SER A 320 14.78 9.05 11.32
PA NAP B . -6.72 7.34 0.73
O1A NAP B . -5.73 8.36 1.13
O2A NAP B . -6.61 6.58 -0.55
O5B NAP B . -8.15 8.02 0.74
C5B NAP B . -8.52 8.75 1.94
C4B NAP B . -9.99 9.17 1.77
O4B NAP B . -10.18 9.82 0.50
C3B NAP B . -10.92 7.95 1.75
O3B NAP B . -11.39 7.64 3.06
C2B NAP B . -12.06 8.36 0.83
O2B NAP B . -13.31 8.56 1.54
C1B NAP B . -11.61 9.69 0.21
N9A NAP B . -11.81 9.78 -1.23
C8A NAP B . -11.56 8.78 -2.16
N7A NAP B . -11.82 9.17 -3.37
C5A NAP B . -12.23 10.47 -3.27
C6A NAP B . -12.64 11.39 -4.21
N6A NAP B . -12.63 11.01 -5.54
N1A NAP B . -13.06 12.64 -3.78
C2A NAP B . -13.00 12.88 -2.48
N3A NAP B . -12.61 12.08 -1.48
C4A NAP B . -12.26 10.86 -1.94
O3 NAP B . -6.84 6.34 1.98
PN NAP B . -5.92 5.34 2.74
O1N NAP B . -5.03 6.01 3.77
O2N NAP B . -6.81 4.28 3.14
O5D NAP B . -4.90 4.73 1.66
C5D NAP B . -5.42 3.86 0.65
C4D NAP B . -5.05 2.37 0.81
O4D NAP B . -3.64 2.21 0.98
C3D NAP B . -5.61 1.76 2.10
O3D NAP B . -7.01 1.47 1.87
C2D NAP B . -4.77 0.54 2.19
O2D NAP B . -5.21 -0.41 1.19
C1D NAP B . -3.35 1.08 1.86
N1N NAP B . -2.58 1.52 3.06
C2N NAP B . -1.47 0.87 3.33
C3N NAP B . -0.68 1.21 4.42
C7N NAP B . 0.57 0.49 4.73
O7N NAP B . 1.14 0.60 5.83
N7N NAP B . 1.14 -0.22 3.66
C4N NAP B . -1.10 2.28 5.24
C5N NAP B . -2.25 2.94 4.93
C6N NAP B . -3.00 2.55 3.81
P2B NAP B . -14.58 7.72 0.91
O1X NAP B . -14.36 6.28 1.22
O2X NAP B . -15.69 8.32 1.81
O3X NAP B . -14.74 8.10 -0.49
C15 WDU C . 3.83 0.96 9.59
C16 WDU C . 1.99 2.40 9.22
C17 WDU C . 4.71 2.02 9.64
C18 WDU C . 2.86 3.47 9.26
C14 WDU C . 2.47 1.12 9.38
C19 WDU C . 4.20 3.29 9.48
C2 WDU C . -3.25 0.91 8.33
C1 WDU C . -1.95 0.33 8.37
C5 WDU C . -3.72 0.74 7.05
C4 WDU C . -0.86 0.18 9.32
C11 WDU C . 1.60 -0.11 9.33
N3 WDU C . -1.70 -0.14 7.15
N7 WDU C . -2.75 0.09 6.36
N8 WDU C . 0.34 0.17 8.67
N10 WDU C . -4.92 1.16 6.40
O13 WDU C . -4.98 0.93 5.19
O9 WDU C . -0.81 0.08 10.56
O12 WDU C . -5.72 1.93 6.98
CL1 WDU C . 5.26 4.68 9.56
CL6 WDU C . -4.08 1.70 9.57
#